data_7WZX
#
_entry.id   7WZX
#
_cell.length_a   93.930
_cell.length_b   93.930
_cell.length_c   143.420
_cell.angle_alpha   90.000
_cell.angle_beta   90.000
_cell.angle_gamma   120.000
#
_symmetry.space_group_name_H-M   'P 65 2 2'
#
loop_
_entity.id
_entity.type
_entity.pdbx_description
1 polymer '4Fe-4S cluster-binding domain-containing protein'
2 non-polymer 'IRON/SULFUR CLUSTER'
3 non-polymer S-ADENOSYLMETHIONINE
4 non-polymer GLYCEROL
5 non-polymer (2~{S},4~{S},6~{R})-2-[(2~{S},3~{R},5~{S},6~{R})-3,5-bis(methylamino)-2,4,6-tris(oxidanyl)cyclohexyl]oxy-6-methyl-4-oxidanyl-oxan-3-one
6 non-polymer 'SULFATE ION'
7 water water
#
_entity_poly.entity_id   1
_entity_poly.type   'polypeptide(L)'
_entity_poly.pdbx_seq_one_letter_code
;MGSSHHHHHHSSGLVPRGSHMSVRLADGKVRNPEGIEVNASLQCNMRCQSCAHLSPLYRRENADPAEIHDTLSVLARSYH
ASYAKIMGGEPLLHPDVVGLIEAVRATGISDTVLVATNGTLLHRATERFWQAVDSLEISVYPSRMIAPEEIERYRVLARE
HGVSLLVNYYGHFRAVYSESGTDAPDLVRDVFDTCKLAHFWNSHTVYDGWLYRCPQSVFMPRQLRDGGWDPRVDGLRIED
DPAFLERLHRFLTADDPLRACRNCLGSVGKLHPHQELPRAGWQVTEQLAALVDYPFLKVCKDDITADDGCVERSLSAPVG
GA
;
_entity_poly.pdbx_strand_id   A
#
loop_
_chem_comp.id
_chem_comp.type
_chem_comp.name
_chem_comp.formula
7PK non-polymer (2~{S},4~{S},6~{R})-2-[(2~{S},3~{R},5~{S},6~{R})-3,5-bis(methylamino)-2,4,6-tris(oxidanyl)cyclohexyl]oxy-6-methyl-4-oxidanyl-oxan-3-one 'C14 H26 N2 O7'
GOL non-polymer GLYCEROL 'C3 H8 O3'
SAM non-polymer S-ADENOSYLMETHIONINE 'C15 H22 N6 O5 S'
SF4 non-polymer 'IRON/SULFUR CLUSTER' 'Fe4 S4'
SO4 non-polymer 'SULFATE ION' 'O4 S -2'
#
# COMPACT_ATOMS: atom_id res chain seq x y z
N SER A 22 -16.87 9.23 -1.44
CA SER A 22 -15.59 8.56 -1.63
C SER A 22 -15.79 7.13 -2.15
N VAL A 23 -15.91 6.17 -1.23
CA VAL A 23 -16.24 4.79 -1.59
C VAL A 23 -17.76 4.65 -1.61
N ARG A 24 -18.31 4.35 -2.79
CA ARG A 24 -19.76 4.38 -2.97
C ARG A 24 -20.21 3.17 -3.78
N LEU A 25 -21.50 2.84 -3.64
CA LEU A 25 -22.12 1.82 -4.48
C LEU A 25 -22.55 2.43 -5.81
N ALA A 26 -22.39 1.66 -6.88
CA ALA A 26 -22.88 2.08 -8.20
C ALA A 26 -22.97 0.86 -9.10
N ASP A 27 -24.12 0.67 -9.73
CA ASP A 27 -24.33 -0.44 -10.66
C ASP A 27 -24.00 -1.77 -9.99
N GLY A 28 -24.43 -1.92 -8.75
CA GLY A 28 -24.28 -3.17 -8.03
C GLY A 28 -22.85 -3.55 -7.70
N LYS A 29 -21.98 -2.57 -7.45
CA LYS A 29 -20.60 -2.84 -7.04
C LYS A 29 -20.13 -1.74 -6.12
N VAL A 30 -19.32 -2.10 -5.13
CA VAL A 30 -18.59 -1.07 -4.39
C VAL A 30 -17.52 -0.49 -5.29
N ARG A 31 -17.52 0.83 -5.44
CA ARG A 31 -16.54 1.52 -6.28
C ARG A 31 -15.49 2.20 -5.41
N ASN A 32 -14.23 1.86 -5.64
CA ASN A 32 -13.10 2.53 -5.02
C ASN A 32 -12.50 3.48 -6.05
N PRO A 33 -12.60 4.80 -5.87
CA PRO A 33 -12.01 5.72 -6.86
C PRO A 33 -10.50 5.69 -6.89
N GLU A 34 -9.85 5.00 -5.94
CA GLU A 34 -8.40 4.84 -5.90
C GLU A 34 -8.08 3.39 -6.27
N GLY A 35 -7.29 2.68 -5.49
CA GLY A 35 -6.73 1.42 -5.94
C GLY A 35 -7.00 0.26 -4.99
N ILE A 36 -7.09 -0.92 -5.57
CA ILE A 36 -7.01 -2.18 -4.83
C ILE A 36 -5.56 -2.65 -4.88
N GLU A 37 -4.97 -2.90 -3.71
CA GLU A 37 -3.53 -3.14 -3.62
C GLU A 37 -3.24 -4.62 -3.61
N VAL A 38 -2.36 -5.05 -4.49
CA VAL A 38 -1.96 -6.44 -4.66
C VAL A 38 -0.47 -6.49 -4.42
N ASN A 39 -0.06 -7.10 -3.31
CA ASN A 39 1.35 -7.12 -2.94
C ASN A 39 2.03 -8.29 -3.61
N ALA A 40 2.74 -7.99 -4.71
CA ALA A 40 3.38 -9.04 -5.50
C ALA A 40 4.40 -9.81 -4.68
N SER A 41 5.20 -9.10 -3.89
CA SER A 41 6.22 -9.70 -3.06
C SER A 41 6.15 -9.06 -1.69
N LEU A 42 6.03 -9.88 -0.64
CA LEU A 42 6.03 -9.32 0.71
C LEU A 42 7.41 -8.80 1.09
N GLN A 43 8.46 -9.41 0.54
CA GLN A 43 9.84 -9.07 0.87
C GLN A 43 10.31 -7.89 0.04
N CYS A 44 11.50 -7.38 0.38
CA CYS A 44 12.04 -6.24 -0.34
C CYS A 44 13.56 -6.32 -0.38
N ASN A 45 14.15 -5.45 -1.20
CA ASN A 45 15.60 -5.35 -1.31
C ASN A 45 16.14 -4.15 -0.56
N MET A 46 15.28 -3.32 0.02
CA MET A 46 15.69 -2.27 0.93
C MET A 46 15.15 -2.56 2.32
N ARG A 47 15.68 -1.81 3.29
CA ARG A 47 15.30 -1.93 4.70
C ARG A 47 14.95 -0.55 5.25
N CYS A 48 14.04 0.14 4.56
CA CYS A 48 13.63 1.47 4.97
C CYS A 48 13.12 1.44 6.40
N GLN A 49 13.54 2.43 7.17
CA GLN A 49 12.96 2.64 8.49
C GLN A 49 11.52 3.10 8.35
N SER A 50 10.64 2.52 9.16
CA SER A 50 9.21 2.87 9.20
C SER A 50 8.46 2.41 7.95
N CYS A 51 8.94 1.38 7.28
CA CYS A 51 8.21 0.86 6.12
C CYS A 51 6.81 0.44 6.51
N ALA A 52 5.81 1.03 5.85
CA ALA A 52 4.40 0.84 6.21
C ALA A 52 3.92 -0.60 6.03
N HIS A 53 4.59 -1.38 5.20
CA HIS A 53 4.27 -2.80 5.02
C HIS A 53 5.18 -3.70 5.86
N LEU A 54 6.11 -3.12 6.62
CA LEU A 54 7.09 -3.87 7.40
C LEU A 54 7.82 -4.90 6.53
N SER A 55 7.94 -4.60 5.24
CA SER A 55 8.65 -5.48 4.32
C SER A 55 10.05 -5.89 4.77
N PRO A 56 10.84 -5.04 5.43
CA PRO A 56 12.15 -5.52 5.90
C PRO A 56 12.08 -6.75 6.80
N LEU A 57 10.92 -7.02 7.40
CA LEU A 57 10.76 -8.15 8.31
C LEU A 57 10.20 -9.40 7.63
N TYR A 58 9.90 -9.34 6.33
CA TYR A 58 9.17 -10.41 5.66
C TYR A 58 10.09 -11.27 4.79
N ARG A 59 9.91 -12.59 4.90
CA ARG A 59 10.64 -13.56 4.11
C ARG A 59 10.08 -13.60 2.68
N ARG A 60 10.83 -14.25 1.80
CA ARG A 60 10.44 -14.31 0.39
C ARG A 60 9.07 -14.96 0.26
N GLU A 61 8.15 -14.21 -0.33
CA GLU A 61 6.78 -14.67 -0.51
C GLU A 61 6.21 -13.94 -1.73
N ASN A 62 6.17 -14.64 -2.86
CA ASN A 62 5.65 -14.10 -4.11
C ASN A 62 4.25 -14.65 -4.35
N ALA A 63 3.32 -13.77 -4.72
CA ALA A 63 1.94 -14.18 -4.91
C ALA A 63 1.80 -15.10 -6.11
N ASP A 64 0.91 -16.07 -6.01
CA ASP A 64 0.59 -16.93 -7.14
C ASP A 64 -0.40 -16.23 -8.06
N PRO A 65 -0.06 -15.99 -9.33
CA PRO A 65 -1.03 -15.32 -10.22
C PRO A 65 -2.35 -16.07 -10.39
N ALA A 66 -2.31 -17.40 -10.46
CA ALA A 66 -3.57 -18.15 -10.53
C ALA A 66 -4.40 -17.96 -9.27
N GLU A 67 -3.75 -17.98 -8.10
CA GLU A 67 -4.48 -17.74 -6.85
C GLU A 67 -5.02 -16.33 -6.81
N ILE A 68 -4.20 -15.35 -7.20
CA ILE A 68 -4.64 -13.96 -7.19
C ILE A 68 -5.80 -13.76 -8.17
N HIS A 69 -5.70 -14.36 -9.35
CA HIS A 69 -6.77 -14.23 -10.34
C HIS A 69 -8.08 -14.78 -9.80
N ASP A 70 -8.03 -15.91 -9.10
CA ASP A 70 -9.25 -16.53 -8.59
C ASP A 70 -9.90 -15.66 -7.52
N THR A 71 -9.11 -15.19 -6.55
CA THR A 71 -9.64 -14.35 -5.49
C THR A 71 -10.21 -13.05 -6.04
N LEU A 72 -9.44 -12.36 -6.88
CA LEU A 72 -9.89 -11.07 -7.39
C LEU A 72 -11.07 -11.21 -8.35
N SER A 73 -11.18 -12.34 -9.07
CA SER A 73 -12.36 -12.56 -9.90
C SER A 73 -13.61 -12.68 -9.04
N VAL A 74 -13.49 -13.29 -7.86
CA VAL A 74 -14.62 -13.35 -6.94
C VAL A 74 -14.98 -11.95 -6.45
N LEU A 75 -14.00 -11.22 -5.92
CA LEU A 75 -14.24 -9.88 -5.41
C LEU A 75 -14.74 -8.94 -6.52
N ALA A 76 -14.26 -9.14 -7.74
CA ALA A 76 -14.62 -8.24 -8.84
C ALA A 76 -16.11 -8.29 -9.16
N ARG A 77 -16.82 -9.34 -8.74
CA ARG A 77 -18.25 -9.39 -9.02
C ARG A 77 -19.03 -8.41 -8.17
N SER A 78 -18.43 -7.88 -7.09
CA SER A 78 -19.11 -6.93 -6.23
C SER A 78 -18.28 -5.68 -5.93
N TYR A 79 -17.17 -5.49 -6.64
CA TYR A 79 -16.20 -4.45 -6.31
C TYR A 79 -15.45 -4.04 -7.56
N HIS A 80 -15.19 -2.74 -7.69
CA HIS A 80 -14.39 -2.24 -8.80
C HIS A 80 -13.60 -1.02 -8.34
N ALA A 81 -12.33 -0.97 -8.71
CA ALA A 81 -11.46 0.13 -8.36
C ALA A 81 -10.92 0.78 -9.63
N SER A 82 -10.49 2.04 -9.50
CA SER A 82 -9.89 2.71 -10.64
C SER A 82 -8.67 1.95 -11.15
N TYR A 83 -7.73 1.67 -10.25
CA TYR A 83 -6.51 0.95 -10.62
C TYR A 83 -6.27 -0.20 -9.65
N ALA A 84 -5.52 -1.18 -10.12
CA ALA A 84 -4.92 -2.17 -9.24
C ALA A 84 -3.45 -1.81 -9.09
N LYS A 85 -3.03 -1.62 -7.85
CA LYS A 85 -1.66 -1.21 -7.53
C LYS A 85 -0.87 -2.48 -7.23
N ILE A 86 -0.05 -2.89 -8.19
CA ILE A 86 0.84 -4.04 -8.02
C ILE A 86 2.06 -3.55 -7.26
N MET A 87 2.24 -4.04 -6.03
CA MET A 87 3.29 -3.51 -5.19
C MET A 87 3.83 -4.60 -4.28
N GLY A 88 4.00 -4.28 -3.01
CA GLY A 88 4.40 -5.26 -2.02
C GLY A 88 5.41 -4.62 -1.13
N GLY A 89 6.45 -5.39 -0.79
CA GLY A 89 7.76 -4.84 -0.66
C GLY A 89 8.15 -4.30 -2.02
N GLU A 90 8.98 -5.06 -2.74
CA GLU A 90 9.45 -4.65 -4.07
C GLU A 90 8.91 -5.61 -5.13
N PRO A 91 7.91 -5.23 -5.94
CA PRO A 91 7.30 -6.20 -6.84
C PRO A 91 8.22 -6.66 -7.96
N LEU A 92 9.25 -5.89 -8.31
CA LEU A 92 10.18 -6.34 -9.33
C LEU A 92 11.03 -7.53 -8.86
N LEU A 93 10.95 -7.90 -7.59
CA LEU A 93 11.55 -9.16 -7.14
C LEU A 93 10.77 -10.36 -7.64
N HIS A 94 9.50 -10.17 -8.01
CA HIS A 94 8.64 -11.30 -8.37
C HIS A 94 9.18 -11.98 -9.60
N PRO A 95 9.25 -13.32 -9.61
CA PRO A 95 9.82 -14.03 -10.78
C PRO A 95 9.00 -13.87 -12.06
N ASP A 96 7.70 -13.57 -11.95
CA ASP A 96 6.84 -13.42 -13.11
C ASP A 96 5.88 -12.26 -12.83
N VAL A 97 6.43 -11.05 -12.80
CA VAL A 97 5.60 -9.90 -12.47
C VAL A 97 4.62 -9.62 -13.60
N VAL A 98 4.97 -9.97 -14.84
CA VAL A 98 4.07 -9.72 -15.96
C VAL A 98 2.91 -10.70 -15.94
N GLY A 99 3.19 -11.97 -15.61
CA GLY A 99 2.11 -12.93 -15.42
C GLY A 99 1.15 -12.52 -14.32
N LEU A 100 1.67 -11.89 -13.26
CA LEU A 100 0.80 -11.35 -12.21
C LEU A 100 -0.01 -10.16 -12.71
N ILE A 101 0.64 -9.24 -13.42
CA ILE A 101 -0.08 -8.12 -14.03
C ILE A 101 -1.23 -8.62 -14.89
N GLU A 102 -0.93 -9.56 -15.79
CA GLU A 102 -1.94 -10.05 -16.74
C GLU A 102 -3.08 -10.75 -16.02
N ALA A 103 -2.76 -11.46 -14.93
CA ALA A 103 -3.80 -12.12 -14.15
C ALA A 103 -4.70 -11.08 -13.48
N VAL A 104 -4.11 -10.01 -12.96
CA VAL A 104 -4.90 -8.94 -12.35
C VAL A 104 -5.75 -8.23 -13.40
N ARG A 105 -5.16 -7.92 -14.55
CA ARG A 105 -5.91 -7.26 -15.61
C ARG A 105 -7.11 -8.10 -16.06
N ALA A 106 -6.89 -9.39 -16.27
CA ALA A 106 -7.92 -10.28 -16.79
C ALA A 106 -9.10 -10.44 -15.86
N THR A 107 -9.00 -10.01 -14.59
CA THR A 107 -10.15 -10.09 -13.70
C THR A 107 -11.14 -8.96 -13.90
N GLY A 108 -10.75 -7.89 -14.59
CA GLY A 108 -11.61 -6.73 -14.71
C GLY A 108 -11.88 -5.99 -13.42
N ILE A 109 -11.11 -6.25 -12.36
CA ILE A 109 -11.36 -5.59 -11.09
C ILE A 109 -10.99 -4.12 -11.11
N SER A 110 -10.27 -3.67 -12.14
CA SER A 110 -9.79 -2.29 -12.19
C SER A 110 -9.76 -1.81 -13.62
N ASP A 111 -9.81 -0.48 -13.77
CA ASP A 111 -9.67 0.10 -15.10
C ASP A 111 -8.25 -0.01 -15.60
N THR A 112 -7.26 0.17 -14.73
CA THR A 112 -5.86 0.14 -15.15
C THR A 112 -5.04 -0.65 -14.13
N VAL A 113 -3.81 -1.00 -14.52
CA VAL A 113 -2.87 -1.71 -13.67
C VAL A 113 -1.64 -0.85 -13.49
N LEU A 114 -1.30 -0.56 -12.24
CA LEU A 114 -0.16 0.28 -11.88
C LEU A 114 0.84 -0.55 -11.08
N VAL A 115 2.13 -0.33 -11.34
CA VAL A 115 3.21 -0.94 -10.56
C VAL A 115 3.92 0.16 -9.80
N ALA A 116 4.13 -0.05 -8.51
CA ALA A 116 4.88 0.84 -7.64
C ALA A 116 6.16 0.14 -7.21
N THR A 117 7.29 0.82 -7.37
CA THR A 117 8.59 0.18 -7.26
C THR A 117 9.61 1.19 -6.74
N ASN A 118 10.62 0.69 -6.03
CA ASN A 118 11.71 1.57 -5.61
C ASN A 118 12.70 1.85 -6.73
N GLY A 119 12.46 1.28 -7.92
CA GLY A 119 13.23 1.58 -9.10
C GLY A 119 14.56 0.85 -9.23
N THR A 120 15.12 0.36 -8.12
CA THR A 120 16.47 -0.20 -8.16
C THR A 120 16.59 -1.36 -9.15
N LEU A 121 15.51 -2.10 -9.39
CA LEU A 121 15.53 -3.24 -10.29
C LEU A 121 14.89 -2.94 -11.64
N LEU A 122 14.56 -1.68 -11.91
CA LEU A 122 13.82 -1.33 -13.12
C LEU A 122 14.63 -1.56 -14.39
N HIS A 123 15.97 -1.56 -14.31
CA HIS A 123 16.79 -1.85 -15.49
C HIS A 123 16.56 -3.27 -16.00
N ARG A 124 16.13 -4.19 -15.14
CA ARG A 124 15.93 -5.58 -15.53
C ARG A 124 14.66 -5.80 -16.33
N ALA A 125 13.72 -4.85 -16.29
CA ALA A 125 12.41 -5.06 -16.90
C ALA A 125 12.51 -5.14 -18.42
N THR A 126 11.80 -6.11 -18.99
CA THR A 126 11.75 -6.32 -20.43
C THR A 126 10.77 -5.35 -21.08
N GLU A 127 10.80 -5.31 -22.42
CA GLU A 127 9.74 -4.64 -23.17
C GLU A 127 8.40 -5.28 -22.84
N ARG A 128 8.39 -6.61 -22.69
CA ARG A 128 7.19 -7.35 -22.30
C ARG A 128 6.52 -6.72 -21.08
N PHE A 129 7.32 -6.22 -20.14
CA PHE A 129 6.79 -5.60 -18.93
C PHE A 129 6.14 -4.25 -19.24
N TRP A 130 6.82 -3.41 -20.04
CA TRP A 130 6.27 -2.10 -20.38
C TRP A 130 4.98 -2.22 -21.19
N GLN A 131 4.87 -3.26 -22.01
CA GLN A 131 3.66 -3.44 -22.82
C GLN A 131 2.47 -3.84 -21.96
N ALA A 132 2.71 -4.47 -20.81
CA ALA A 132 1.63 -4.98 -19.97
C ALA A 132 1.20 -3.98 -18.89
N VAL A 133 1.93 -2.89 -18.71
CA VAL A 133 1.70 -1.95 -17.61
C VAL A 133 0.98 -0.73 -18.16
N ASP A 134 0.06 -0.17 -17.37
CA ASP A 134 -0.62 1.08 -17.69
C ASP A 134 0.03 2.30 -17.06
N SER A 135 0.51 2.17 -15.83
CA SER A 135 1.11 3.25 -15.08
C SER A 135 2.27 2.72 -14.27
N LEU A 136 3.26 3.58 -14.03
CA LEU A 136 4.45 3.25 -13.26
C LEU A 136 4.69 4.35 -12.25
N GLU A 137 4.94 3.95 -11.00
CA GLU A 137 5.27 4.88 -9.92
C GLU A 137 6.61 4.50 -9.32
N ILE A 138 7.57 5.42 -9.37
CA ILE A 138 8.94 5.17 -8.90
C ILE A 138 9.18 6.00 -7.64
N SER A 139 9.22 5.34 -6.49
CA SER A 139 9.76 5.96 -5.28
C SER A 139 11.28 6.01 -5.37
N VAL A 140 11.86 7.18 -5.09
CA VAL A 140 13.30 7.39 -5.16
C VAL A 140 13.78 7.86 -3.79
N TYR A 141 14.54 7.00 -3.11
CA TYR A 141 14.99 7.29 -1.75
C TYR A 141 16.47 7.66 -1.73
N PRO A 142 16.89 8.49 -0.76
CA PRO A 142 18.30 8.95 -0.76
C PRO A 142 19.33 7.84 -0.80
N SER A 143 19.16 6.81 0.05
CA SER A 143 20.12 5.71 0.13
C SER A 143 20.18 4.87 -1.14
N ARG A 144 19.21 5.01 -2.05
CA ARG A 144 19.21 4.27 -3.31
C ARG A 144 18.84 5.23 -4.44
N MET A 145 19.56 6.34 -4.53
CA MET A 145 19.25 7.39 -5.49
C MET A 145 19.35 6.89 -6.92
N ILE A 146 18.47 7.40 -7.78
CA ILE A 146 18.40 7.01 -9.19
C ILE A 146 18.90 8.17 -10.03
N ALA A 147 19.84 7.88 -10.93
CA ALA A 147 20.49 8.93 -11.71
C ALA A 147 19.48 9.60 -12.64
N PRO A 148 19.48 10.94 -12.73
CA PRO A 148 18.53 11.62 -13.62
C PRO A 148 18.59 11.14 -15.05
N GLU A 149 19.76 10.70 -15.51
CA GLU A 149 19.89 10.15 -16.85
C GLU A 149 19.11 8.86 -17.00
N GLU A 150 19.04 8.05 -15.93
CA GLU A 150 18.28 6.81 -15.99
C GLU A 150 16.78 7.06 -15.88
N ILE A 151 16.39 8.05 -15.08
CA ILE A 151 14.97 8.40 -14.98
C ILE A 151 14.48 8.98 -16.30
N GLU A 152 15.32 9.80 -16.95
CA GLU A 152 15.02 10.27 -18.29
C GLU A 152 14.73 9.10 -19.23
N ARG A 153 15.59 8.09 -19.21
CA ARG A 153 15.39 6.91 -20.05
C ARG A 153 14.05 6.24 -19.73
N TYR A 154 13.69 6.17 -18.45
CA TYR A 154 12.41 5.58 -18.08
C TYR A 154 11.24 6.44 -18.56
N ARG A 155 11.39 7.77 -18.53
CA ARG A 155 10.38 8.66 -19.10
C ARG A 155 10.19 8.37 -20.58
N VAL A 156 11.29 8.17 -21.31
CA VAL A 156 11.19 7.87 -22.74
C VAL A 156 10.49 6.53 -22.95
N LEU A 157 10.88 5.53 -22.15
CA LEU A 157 10.26 4.21 -22.26
C LEU A 157 8.76 4.27 -21.99
N ALA A 158 8.36 4.99 -20.95
CA ALA A 158 6.93 5.12 -20.62
C ALA A 158 6.16 5.76 -21.79
N ARG A 159 6.61 6.92 -22.24
CA ARG A 159 5.98 7.57 -23.39
C ARG A 159 5.88 6.62 -24.58
N GLU A 160 6.97 5.86 -24.82
CA GLU A 160 7.00 4.90 -25.92
C GLU A 160 5.83 3.92 -25.86
N HIS A 161 5.55 3.39 -24.67
CA HIS A 161 4.50 2.38 -24.50
C HIS A 161 3.19 2.96 -24.00
N GLY A 162 3.05 4.28 -24.00
CA GLY A 162 1.83 4.90 -23.51
C GLY A 162 1.57 4.56 -22.05
N VAL A 163 2.60 4.65 -21.22
CA VAL A 163 2.53 4.36 -19.80
C VAL A 163 2.64 5.67 -19.03
N SER A 164 1.74 5.88 -18.08
CA SER A 164 1.86 7.05 -17.23
C SER A 164 2.96 6.81 -16.20
N LEU A 165 3.79 7.83 -15.97
CA LEU A 165 4.94 7.71 -15.10
C LEU A 165 4.91 8.79 -14.02
N LEU A 166 5.14 8.39 -12.78
CA LEU A 166 5.26 9.30 -11.64
C LEU A 166 6.51 8.94 -10.86
N VAL A 167 7.36 9.94 -10.60
CA VAL A 167 8.60 9.76 -9.86
C VAL A 167 8.57 10.63 -8.61
N ASN A 168 8.57 10.00 -7.45
CA ASN A 168 8.54 10.68 -6.16
C ASN A 168 9.91 10.61 -5.50
N TYR A 169 10.44 11.78 -5.10
CA TYR A 169 11.68 11.87 -4.35
C TYR A 169 11.33 12.12 -2.89
N TYR A 170 11.57 11.10 -2.07
CA TYR A 170 11.20 11.17 -0.66
C TYR A 170 12.29 11.83 0.17
N GLY A 171 11.90 12.76 1.02
CA GLY A 171 12.84 13.31 1.98
C GLY A 171 12.67 12.71 3.36
N HIS A 172 11.44 12.36 3.72
CA HIS A 172 11.15 11.87 5.06
C HIS A 172 10.16 10.72 4.99
N PHE A 173 10.12 9.97 6.09
CA PHE A 173 9.07 9.02 6.41
C PHE A 173 8.48 9.39 7.76
N ARG A 174 7.28 8.88 8.03
CA ARG A 174 6.67 8.98 9.34
C ARG A 174 6.66 7.58 9.97
N ALA A 175 6.86 7.53 11.28
CA ALA A 175 6.76 6.25 11.97
C ALA A 175 5.37 5.66 11.78
N VAL A 176 5.30 4.33 11.78
CA VAL A 176 4.07 3.63 11.38
C VAL A 176 3.49 2.75 12.48
N TYR A 177 4.33 2.21 13.36
CA TYR A 177 3.83 1.24 14.34
C TYR A 177 4.80 1.14 15.52
N SER A 178 4.34 0.46 16.57
CA SER A 178 5.25 0.04 17.63
C SER A 178 4.72 -1.24 18.24
N GLU A 179 5.65 -2.11 18.65
CA GLU A 179 5.27 -3.26 19.46
C GLU A 179 4.68 -2.83 20.79
N SER A 180 5.06 -1.65 21.27
CA SER A 180 4.52 -1.11 22.51
C SER A 180 3.34 -0.21 22.16
N GLY A 181 2.16 -0.83 22.07
CA GLY A 181 0.95 -0.12 21.67
C GLY A 181 0.38 0.73 22.78
N THR A 182 -0.74 1.37 22.48
CA THR A 182 -1.38 2.30 23.39
C THR A 182 -2.64 1.70 24.00
N ASP A 183 -2.96 2.14 25.22
CA ASP A 183 -4.16 1.73 25.94
C ASP A 183 -5.24 2.81 25.99
N ALA A 184 -4.97 4.00 25.43
CA ALA A 184 -5.91 5.11 25.52
C ALA A 184 -6.83 5.09 24.30
N PRO A 185 -8.13 4.84 24.46
CA PRO A 185 -9.02 4.81 23.29
C PRO A 185 -9.12 6.16 22.60
N ASP A 186 -8.90 7.25 23.33
CA ASP A 186 -8.88 8.57 22.70
C ASP A 186 -7.81 8.65 21.62
N LEU A 187 -6.60 8.15 21.92
CA LEU A 187 -5.52 8.19 20.95
C LEU A 187 -5.80 7.28 19.76
N VAL A 188 -6.20 6.04 20.03
CA VAL A 188 -6.54 5.11 18.94
C VAL A 188 -7.60 5.72 18.04
N ARG A 189 -8.64 6.33 18.64
CA ARG A 189 -9.72 6.91 17.85
C ARG A 189 -9.21 8.06 16.98
N ASP A 190 -8.38 8.93 17.54
CA ASP A 190 -7.84 10.03 16.74
C ASP A 190 -6.90 9.53 15.65
N VAL A 191 -6.11 8.51 15.94
CA VAL A 191 -5.24 7.92 14.93
C VAL A 191 -6.07 7.33 13.79
N PHE A 192 -7.07 6.52 14.13
CA PHE A 192 -7.90 5.93 13.09
C PHE A 192 -8.69 7.00 12.33
N ASP A 193 -9.14 8.04 13.03
CA ASP A 193 -9.99 9.04 12.38
C ASP A 193 -9.22 9.86 11.35
N THR A 194 -7.93 10.09 11.59
CA THR A 194 -7.12 10.85 10.65
C THR A 194 -6.28 9.96 9.74
N CYS A 195 -6.56 8.65 9.69
CA CYS A 195 -5.72 7.74 8.91
C CYS A 195 -6.07 7.87 7.43
N LYS A 196 -5.11 8.33 6.63
CA LYS A 196 -5.35 8.46 5.19
C LYS A 196 -5.57 7.10 4.54
N LEU A 197 -4.89 6.07 5.03
CA LEU A 197 -5.06 4.73 4.46
C LEU A 197 -6.51 4.26 4.57
N ALA A 198 -7.12 4.46 5.75
CA ALA A 198 -8.50 4.01 5.95
C ALA A 198 -9.49 4.86 5.18
N HIS A 199 -9.27 6.18 5.10
CA HIS A 199 -10.33 7.11 4.75
C HIS A 199 -10.11 7.92 3.50
N PHE A 200 -8.88 8.09 3.05
CA PHE A 200 -8.58 9.01 1.96
C PHE A 200 -7.95 8.27 0.79
N TRP A 201 -6.79 7.63 1.02
CA TRP A 201 -6.13 6.84 -0.01
C TRP A 201 -6.86 5.54 -0.29
N ASN A 202 -7.67 5.05 0.66
CA ASN A 202 -8.44 3.82 0.50
C ASN A 202 -7.54 2.64 0.11
N SER A 203 -6.57 2.37 0.97
CA SER A 203 -5.52 1.40 0.67
C SER A 203 -6.01 -0.04 0.85
N HIS A 204 -7.16 -0.34 0.23
CA HIS A 204 -7.72 -1.68 0.24
C HIS A 204 -6.67 -2.69 -0.21
N THR A 205 -6.51 -3.75 0.59
CA THR A 205 -5.43 -4.71 0.40
C THR A 205 -6.02 -6.11 0.37
N VAL A 206 -5.68 -6.88 -0.66
CA VAL A 206 -6.06 -8.28 -0.78
C VAL A 206 -4.88 -9.13 -0.34
N TYR A 207 -5.13 -10.09 0.54
CA TYR A 207 -4.08 -11.02 0.94
C TYR A 207 -4.70 -12.34 1.40
N ASP A 208 -4.31 -13.42 0.73
CA ASP A 208 -4.68 -14.79 1.11
C ASP A 208 -6.20 -14.94 1.27
N GLY A 209 -6.92 -14.40 0.29
CA GLY A 209 -8.36 -14.58 0.23
C GLY A 209 -9.17 -13.61 1.04
N TRP A 210 -8.54 -12.68 1.75
CA TRP A 210 -9.24 -11.73 2.58
C TRP A 210 -8.96 -10.29 2.13
N LEU A 211 -9.89 -9.40 2.43
CA LEU A 211 -9.76 -7.99 2.14
C LEU A 211 -9.53 -7.21 3.43
N TYR A 212 -8.62 -6.23 3.35
CA TYR A 212 -8.25 -5.41 4.50
C TYR A 212 -8.36 -3.93 4.15
N ARG A 213 -8.62 -3.11 5.16
CA ARG A 213 -8.70 -1.66 4.98
C ARG A 213 -7.35 -1.04 4.64
N CYS A 214 -6.26 -1.76 4.90
CA CYS A 214 -4.94 -1.16 4.91
C CYS A 214 -3.90 -2.29 4.97
N PRO A 215 -2.67 -2.02 4.53
CA PRO A 215 -1.62 -3.04 4.70
C PRO A 215 -1.20 -3.26 6.14
N GLN A 216 -1.18 -2.19 6.96
CA GLN A 216 -0.75 -2.34 8.34
C GLN A 216 -1.57 -3.41 9.07
N SER A 217 -2.89 -3.44 8.84
CA SER A 217 -3.73 -4.34 9.62
C SER A 217 -3.49 -5.81 9.30
N VAL A 218 -2.93 -6.12 8.13
CA VAL A 218 -2.68 -7.53 7.81
C VAL A 218 -1.22 -7.90 8.00
N PHE A 219 -0.30 -6.97 7.76
CA PHE A 219 1.12 -7.29 7.81
C PHE A 219 1.79 -6.95 9.13
N MET A 220 1.18 -6.11 9.96
CA MET A 220 1.83 -5.80 11.24
C MET A 220 1.62 -6.85 12.33
N PRO A 221 0.39 -7.34 12.57
CA PRO A 221 0.16 -8.11 13.81
C PRO A 221 1.08 -9.30 14.00
N ARG A 222 1.30 -10.12 12.98
CA ARG A 222 2.17 -11.27 13.16
C ARG A 222 3.64 -10.89 13.35
N GLN A 223 3.97 -9.62 13.12
CA GLN A 223 5.33 -9.15 13.36
C GLN A 223 5.53 -8.60 14.77
N LEU A 224 4.47 -8.45 15.54
CA LEU A 224 4.62 -8.13 16.96
C LEU A 224 5.24 -9.33 17.65
N ARG A 225 6.44 -9.16 18.20
CA ARG A 225 7.29 -10.30 18.55
C ARG A 225 6.72 -11.17 19.67
N ASP A 226 5.71 -10.71 20.39
CA ASP A 226 5.01 -11.61 21.30
C ASP A 226 4.04 -12.55 20.58
N GLY A 227 4.00 -12.51 19.25
CA GLY A 227 3.13 -13.34 18.45
C GLY A 227 2.01 -12.56 17.78
N GLY A 228 1.61 -11.43 18.37
CA GLY A 228 0.51 -10.67 17.81
C GLY A 228 -0.78 -11.44 17.86
N TRP A 229 -1.60 -11.26 16.82
CA TRP A 229 -2.89 -11.94 16.71
C TRP A 229 -3.15 -12.26 15.25
N ASP A 230 -4.21 -13.02 15.01
CA ASP A 230 -4.67 -13.34 13.67
C ASP A 230 -5.18 -12.07 13.00
N PRO A 231 -4.56 -11.59 11.92
CA PRO A 231 -5.04 -10.36 11.27
C PRO A 231 -6.46 -10.47 10.72
N ARG A 232 -6.98 -11.68 10.55
CA ARG A 232 -8.30 -11.82 9.93
C ARG A 232 -9.41 -11.23 10.80
N VAL A 233 -9.13 -10.94 12.08
CA VAL A 233 -10.09 -10.20 12.90
C VAL A 233 -10.44 -8.87 12.26
N ASP A 234 -9.49 -8.24 11.57
CA ASP A 234 -9.68 -6.93 10.97
C ASP A 234 -10.01 -6.98 9.49
N GLY A 235 -10.17 -8.16 8.91
CA GLY A 235 -10.41 -8.29 7.48
C GLY A 235 -11.77 -8.88 7.16
N LEU A 236 -12.02 -9.13 5.87
CA LEU A 236 -13.28 -9.68 5.38
C LEU A 236 -12.97 -10.80 4.38
N ARG A 237 -13.50 -11.99 4.63
CA ARG A 237 -13.28 -13.09 3.70
C ARG A 237 -13.98 -12.78 2.37
N ILE A 238 -13.22 -12.90 1.28
CA ILE A 238 -13.77 -12.58 -0.04
C ILE A 238 -14.61 -13.76 -0.50
N GLU A 239 -15.88 -13.50 -0.76
CA GLU A 239 -16.84 -14.52 -1.16
C GLU A 239 -17.76 -13.90 -2.20
N ASP A 240 -18.65 -14.72 -2.77
CA ASP A 240 -19.57 -14.17 -3.75
C ASP A 240 -20.95 -14.80 -3.62
N ASP A 241 -21.36 -15.09 -2.39
CA ASP A 241 -22.77 -15.35 -2.12
C ASP A 241 -23.55 -14.04 -2.30
N PRO A 242 -24.88 -14.10 -2.41
CA PRO A 242 -25.64 -12.85 -2.56
C PRO A 242 -25.47 -11.88 -1.40
N ALA A 243 -25.26 -12.37 -0.17
CA ALA A 243 -25.17 -11.50 0.99
C ALA A 243 -23.85 -10.73 1.07
N PHE A 244 -22.91 -11.00 0.15
CA PHE A 244 -21.57 -10.44 0.30
C PHE A 244 -21.54 -8.94 0.02
N LEU A 245 -22.33 -8.46 -0.94
CA LEU A 245 -22.23 -7.07 -1.37
C LEU A 245 -22.42 -6.09 -0.21
N GLU A 246 -23.50 -6.28 0.57
CA GLU A 246 -23.74 -5.36 1.68
C GLU A 246 -22.75 -5.62 2.82
N ARG A 247 -22.20 -6.83 2.91
CA ARG A 247 -21.13 -7.11 3.86
C ARG A 247 -19.87 -6.32 3.50
N LEU A 248 -19.48 -6.36 2.23
CA LEU A 248 -18.37 -5.54 1.73
C LEU A 248 -18.65 -4.06 1.95
N HIS A 249 -19.86 -3.62 1.61
CA HIS A 249 -20.25 -2.23 1.82
C HIS A 249 -20.07 -1.82 3.27
N ARG A 250 -20.53 -2.66 4.21
CA ARG A 250 -20.42 -2.33 5.62
C ARG A 250 -18.95 -2.33 6.05
N PHE A 251 -18.19 -3.34 5.61
CA PHE A 251 -16.79 -3.46 5.99
C PHE A 251 -15.99 -2.23 5.59
N LEU A 252 -16.19 -1.74 4.37
CA LEU A 252 -15.34 -0.69 3.84
C LEU A 252 -15.79 0.72 4.22
N THR A 253 -16.95 0.87 4.84
CA THR A 253 -17.39 2.17 5.34
C THR A 253 -17.49 2.21 6.85
N ALA A 254 -17.20 1.10 7.53
CA ALA A 254 -17.27 1.07 8.99
C ALA A 254 -16.31 2.09 9.58
N ASP A 255 -16.76 2.78 10.62
CA ASP A 255 -16.03 3.92 11.16
C ASP A 255 -15.47 3.64 12.56
N ASP A 256 -15.25 2.37 12.88
CA ASP A 256 -14.69 2.05 14.18
C ASP A 256 -13.24 1.57 14.02
N PRO A 257 -12.36 1.93 14.95
CA PRO A 257 -10.96 1.49 14.84
C PRO A 257 -10.82 -0.02 14.79
N LEU A 258 -9.84 -0.47 13.99
CA LEU A 258 -9.47 -1.87 13.94
C LEU A 258 -8.70 -2.24 15.20
N ARG A 259 -8.52 -3.54 15.43
CA ARG A 259 -7.63 -3.94 16.52
C ARG A 259 -6.19 -3.52 16.23
N ALA A 260 -5.80 -3.49 14.95
CA ALA A 260 -4.43 -3.13 14.61
C ALA A 260 -4.13 -1.66 14.87
N CYS A 261 -5.15 -0.80 14.93
CA CYS A 261 -4.92 0.62 15.23
C CYS A 261 -4.20 0.81 16.55
N ARG A 262 -4.40 -0.09 17.52
CA ARG A 262 -3.80 0.05 18.85
C ARG A 262 -2.28 0.07 18.80
N ASN A 263 -1.68 -0.53 17.77
CA ASN A 263 -0.24 -0.58 17.61
C ASN A 263 0.21 0.25 16.43
N CYS A 264 -0.67 1.07 15.88
CA CYS A 264 -0.40 1.79 14.66
C CYS A 264 -0.35 3.28 14.91
N LEU A 265 0.37 3.98 14.03
CA LEU A 265 0.43 5.44 14.04
C LEU A 265 -0.34 6.08 12.88
N GLY A 266 -1.09 5.28 12.12
CA GLY A 266 -1.87 5.81 11.02
C GLY A 266 -1.03 6.70 10.14
N SER A 267 -1.51 7.93 9.92
CA SER A 267 -0.82 8.94 9.12
C SER A 267 -0.20 10.04 9.97
N VAL A 268 -0.06 9.83 11.29
CA VAL A 268 0.37 10.91 12.15
C VAL A 268 1.63 10.54 12.96
N GLY A 269 2.34 9.50 12.55
CA GLY A 269 3.63 9.23 13.17
C GLY A 269 4.62 10.35 12.93
N LYS A 270 5.59 10.45 13.85
CA LYS A 270 6.55 11.54 13.78
C LYS A 270 7.41 11.45 12.53
N LEU A 271 7.76 12.61 12.00
CA LEU A 271 8.54 12.71 10.77
C LEU A 271 10.00 12.45 11.05
N HIS A 272 10.64 11.65 10.19
CA HIS A 272 12.09 11.50 10.27
C HIS A 272 12.68 11.48 8.87
N PRO A 273 13.86 12.09 8.69
CA PRO A 273 14.62 11.89 7.44
C PRO A 273 14.62 10.44 7.02
N HIS A 274 14.33 10.19 5.74
CA HIS A 274 14.31 8.81 5.26
C HIS A 274 15.69 8.18 5.38
N GLN A 275 15.71 6.90 5.78
CA GLN A 275 16.94 6.14 5.80
C GLN A 275 16.63 4.65 5.89
N GLU A 276 17.63 3.87 5.53
CA GLU A 276 17.61 2.42 5.71
C GLU A 276 18.22 2.06 7.06
N LEU A 277 17.75 0.95 7.63
CA LEU A 277 18.33 0.38 8.84
C LEU A 277 18.90 -0.99 8.49
N PRO A 278 20.09 -1.05 7.91
CA PRO A 278 20.63 -2.35 7.49
C PRO A 278 20.91 -3.30 8.65
N ARG A 279 21.31 -2.79 9.80
CA ARG A 279 21.66 -3.66 10.92
C ARG A 279 20.41 -4.29 11.51
N ALA A 280 20.60 -5.46 12.12
CA ALA A 280 19.48 -6.17 12.72
C ALA A 280 18.91 -5.36 13.88
N GLY A 281 17.63 -5.61 14.17
CA GLY A 281 16.91 -4.86 15.18
C GLY A 281 15.98 -3.83 14.58
N TRP A 282 15.35 -4.17 13.44
CA TRP A 282 14.47 -3.23 12.76
C TRP A 282 13.20 -2.93 13.55
N GLN A 283 12.82 -3.82 14.46
CA GLN A 283 11.52 -3.69 15.12
C GLN A 283 11.48 -2.44 16.00
N VAL A 284 10.28 -1.86 16.10
CA VAL A 284 10.05 -0.65 16.88
C VAL A 284 9.43 -1.05 18.21
N THR A 285 10.07 -0.63 19.30
CA THR A 285 9.60 -0.93 20.64
C THR A 285 9.27 0.31 21.46
N GLU A 286 9.52 1.51 20.93
CA GLU A 286 9.25 2.74 21.66
C GLU A 286 7.75 2.90 21.90
N GLN A 287 7.41 3.43 23.08
CA GLN A 287 6.02 3.71 23.43
C GLN A 287 5.32 4.45 22.30
N LEU A 288 4.14 3.94 21.91
CA LEU A 288 3.45 4.49 20.76
C LEU A 288 3.20 5.99 20.91
N ALA A 289 2.76 6.42 22.10
CA ALA A 289 2.37 7.82 22.27
C ALA A 289 3.55 8.78 22.08
N ALA A 290 4.77 8.32 22.35
CA ALA A 290 5.96 9.13 22.12
C ALA A 290 6.32 9.24 20.64
N LEU A 291 5.65 8.46 19.78
CA LEU A 291 5.91 8.45 18.35
C LEU A 291 4.86 9.23 17.56
N VAL A 292 3.85 9.77 18.23
CA VAL A 292 2.79 10.51 17.55
C VAL A 292 3.24 11.95 17.32
N ASP A 293 3.03 12.43 16.09
CA ASP A 293 3.26 13.84 15.75
C ASP A 293 2.01 14.61 16.13
N TYR A 294 2.00 15.21 17.31
CA TYR A 294 0.75 15.73 17.83
C TYR A 294 0.32 17.01 17.14
N PRO A 295 1.22 17.96 16.88
CA PRO A 295 0.83 19.09 16.01
C PRO A 295 0.29 18.66 14.64
N PHE A 296 0.88 17.65 14.00
CA PHE A 296 0.39 17.23 12.70
C PHE A 296 -0.93 16.47 12.81
N LEU A 297 -1.18 15.83 13.96
CA LEU A 297 -2.45 15.18 14.19
C LEU A 297 -3.58 16.21 14.27
N LYS A 298 -3.35 17.30 15.00
CA LYS A 298 -4.31 18.40 15.04
C LYS A 298 -4.58 18.95 13.65
N VAL A 299 -3.54 19.05 12.82
CA VAL A 299 -3.70 19.53 11.45
C VAL A 299 -4.55 18.55 10.64
N CYS A 300 -4.23 17.25 10.74
CA CYS A 300 -5.00 16.26 9.99
C CYS A 300 -6.43 16.13 10.49
N LYS A 301 -6.68 16.49 11.75
CA LYS A 301 -8.06 16.54 12.24
C LYS A 301 -8.87 17.59 11.49
N ASP A 302 -8.24 18.71 11.15
CA ASP A 302 -8.93 19.76 10.39
C ASP A 302 -9.04 19.41 8.91
N ASP A 303 -8.12 18.59 8.40
CA ASP A 303 -8.05 18.32 6.97
C ASP A 303 -7.27 17.01 6.80
N ILE A 304 -8.01 15.93 6.56
CA ILE A 304 -7.39 14.60 6.50
C ILE A 304 -6.44 14.47 5.31
N THR A 305 -6.53 15.36 4.32
CA THR A 305 -5.66 15.29 3.14
C THR A 305 -4.33 16.03 3.32
N ALA A 306 -4.09 16.62 4.50
CA ALA A 306 -2.89 17.42 4.73
C ALA A 306 -1.62 16.68 4.31
N ASP A 307 -0.79 17.36 3.53
CA ASP A 307 0.42 16.74 2.99
C ASP A 307 1.30 16.24 4.13
N ASP A 308 1.79 15.02 3.99
CA ASP A 308 2.48 14.36 5.10
C ASP A 308 3.92 14.82 5.25
N GLY A 309 4.42 15.66 4.35
CA GLY A 309 5.78 16.15 4.44
C GLY A 309 6.83 15.16 4.05
N CYS A 310 6.46 14.08 3.36
CA CYS A 310 7.41 13.02 3.03
C CYS A 310 8.00 13.16 1.64
N VAL A 311 7.25 13.71 0.68
CA VAL A 311 7.78 13.95 -0.65
C VAL A 311 8.33 15.38 -0.69
N GLU A 312 9.60 15.51 -1.09
CA GLU A 312 10.20 16.83 -1.23
C GLU A 312 10.06 17.40 -2.64
N ARG A 313 10.16 16.54 -3.65
CA ARG A 313 9.96 16.91 -5.05
C ARG A 313 9.29 15.74 -5.76
N SER A 314 8.45 16.06 -6.75
CA SER A 314 7.74 15.05 -7.52
C SER A 314 7.71 15.44 -8.99
N LEU A 315 7.80 14.44 -9.87
CA LEU A 315 7.70 14.62 -11.32
C LEU A 315 6.65 13.68 -11.87
N SER A 316 5.79 14.19 -12.76
CA SER A 316 4.74 13.38 -13.38
C SER A 316 4.72 13.59 -14.88
N ALA A 317 4.58 12.48 -15.62
CA ALA A 317 4.45 12.49 -17.07
C ALA A 317 3.16 11.75 -17.40
N PRO A 318 2.01 12.40 -17.22
CA PRO A 318 0.74 11.69 -17.37
C PRO A 318 0.45 11.38 -18.81
N VAL A 319 -0.29 10.29 -19.02
CA VAL A 319 -0.89 9.99 -20.32
C VAL A 319 -2.36 10.33 -20.22
N GLY A 320 -2.80 11.33 -20.98
CA GLY A 320 -4.17 11.77 -20.90
C GLY A 320 -5.10 10.77 -21.56
N GLY A 321 -6.02 10.20 -20.78
CA GLY A 321 -7.05 9.33 -21.31
C GLY A 321 -7.91 10.01 -22.35
FE1 SF4 B . 9.21 0.21 -0.29
FE2 SF4 B . 9.24 -0.76 2.27
FE3 SF4 B . 11.20 0.75 1.49
FE4 SF4 B . 10.91 -1.66 0.58
S1 SF4 B . 11.38 -1.18 2.75
S2 SF4 B . 11.42 0.16 -0.70
S3 SF4 B . 8.69 -1.91 0.40
S4 SF4 B . 9.08 1.44 1.64
FE1 SF4 C . -4.99 3.20 9.69
FE2 SF4 C . -4.86 0.62 9.33
FE3 SF4 C . -5.70 1.57 11.68
FE4 SF4 C . -3.17 1.80 11.01
S1 SF4 C . -4.27 -0.18 11.34
S2 SF4 C . -4.50 3.48 11.86
S3 SF4 C . -3.21 2.09 8.79
S4 SF4 C . -6.78 1.80 9.73
N SAM D . 8.55 -0.69 -2.91
CA SAM D . 7.59 0.29 -3.38
C SAM D . 7.87 1.69 -2.86
O SAM D . 8.44 1.91 -1.81
OXT SAM D . 7.52 2.67 -3.48
CB SAM D . 6.16 -0.10 -2.99
CG SAM D . 5.90 -0.38 -1.51
SD SAM D . 5.79 1.05 -0.39
CE SAM D . 5.16 0.24 1.10
C5' SAM D . 4.31 1.92 -0.96
C4' SAM D . 4.37 3.44 -0.78
O4' SAM D . 4.30 3.79 0.59
C3' SAM D . 5.65 4.03 -1.32
O3' SAM D . 5.33 5.15 -2.10
C2' SAM D . 6.43 4.48 -0.09
O2' SAM D . 7.20 5.62 -0.39
C1' SAM D . 5.31 4.73 0.91
N9 SAM D . 5.68 4.59 2.33
C8 SAM D . 6.02 3.42 2.99
N7 SAM D . 6.26 3.72 4.28
C5 SAM D . 6.07 5.04 4.47
C6 SAM D . 6.18 5.86 5.61
N6 SAM D . 6.54 5.33 6.79
N1 SAM D . 5.92 7.20 5.50
C2 SAM D . 5.55 7.74 4.28
N3 SAM D . 5.44 6.93 3.17
C4 SAM D . 5.70 5.60 3.26
C1 GOL E . 0.93 7.09 6.13
O1 GOL E . -0.14 7.96 5.77
C2 GOL E . 2.22 7.94 6.32
O2 GOL E . 2.29 8.53 7.57
C3 GOL E . 2.18 9.00 5.17
O3 GOL E . 1.20 9.97 5.49
C1 GOL F . 1.49 -13.63 6.86
O1 GOL F . 1.19 -12.50 6.12
C2 GOL F . 1.10 -13.27 8.31
O2 GOL F . 1.66 -12.06 8.71
C3 GOL F . -0.46 -13.24 8.31
O3 GOL F . -0.84 -12.14 7.52
C1 GOL G . 10.03 -9.06 -15.99
O1 GOL G . 10.14 -7.91 -16.78
C2 GOL G . 10.37 -8.65 -14.54
O2 GOL G . 11.65 -8.10 -14.43
C3 GOL G . 10.25 -9.96 -13.73
O3 GOL G . 10.11 -9.58 -12.40
C1 GOL H . -15.65 5.58 6.84
O1 GOL H . -14.62 4.63 7.07
C2 GOL H . -15.68 5.92 5.31
O2 GOL H . -15.33 4.82 4.53
C3 GOL H . -14.68 7.10 5.14
O3 GOL H . -13.42 6.56 5.36
C01 7PK I . 1.05 9.04 -2.06
C02 7PK I . 1.77 8.50 -0.82
C03 7PK I . 2.17 7.03 -1.00
C04 7PK I . 1.17 6.13 -1.79
C05 7PK I . -0.13 6.77 -2.37
C06 7PK I . -0.29 8.30 -2.25
C08 7PK I . 0.48 4.43 -0.03
C09 7PK I . 0.05 2.96 -0.15
C10 7PK I . 0.00 2.01 1.06
C11 7PK I . 1.10 3.93 2.17
C17 7PK I . 1.08 2.42 2.06
C20 7PK I . 2.77 10.69 -0.55
C22 7PK I . -2.33 8.47 -3.54
C23 7PK I . 2.06 4.35 3.29
N19 7PK I . 2.99 9.25 -0.56
N21 7PK I . -0.92 8.83 -3.46
O07 7PK I . 0.98 4.79 -1.31
O12 7PK I . 1.50 4.50 0.94
O13 7PK I . 1.87 8.98 -3.20
O14 7PK I . 2.58 6.52 0.24
O15 7PK I . -1.29 6.14 -1.88
O16 7PK I . 0.18 0.68 0.68
O18 7PK I . -0.23 2.54 -1.23
S SO4 J . -22.76 -10.10 8.78
O1 SO4 J . -23.52 -9.96 10.03
O2 SO4 J . -21.38 -10.48 9.09
O3 SO4 J . -23.38 -11.15 7.95
O4 SO4 J . -22.75 -8.82 8.06
S SO4 K . 12.26 14.69 -25.89
O1 SO4 K . 11.27 14.74 -24.81
O2 SO4 K . 13.36 15.62 -25.65
O3 SO4 K . 11.57 15.09 -27.12
O4 SO4 K . 12.80 13.34 -26.03
#